data_6V8B
#
_entry.id   6V8B
#
_cell.length_a   45.782
_cell.length_b   105.010
_cell.length_c   168.930
_cell.angle_alpha   90.000
_cell.angle_beta   90.000
_cell.angle_gamma   90.000
#
_symmetry.space_group_name_H-M   'C 2 2 21'
#
loop_
_entity.id
_entity.type
_entity.pdbx_description
1 polymer 'Histone acetyltransferase p300'
2 non-polymer 4-(2-{[(1R)-2-(1H-indol-3-yl)-2-oxo-1-phenylethyl]amino}ethyl)benzene-1-sulfonamide
3 non-polymer 'CHLORIDE ION'
4 non-polymer 'SULFATE ION'
#
_entity_poly.entity_id   1
_entity_poly.type   'polypeptide(L)'
_entity_poly.pdbx_seq_one_letter_code
;MKFSAKRLPSTRLGTFLENRVNDFLRRQNHPESGEVTVRVVHASDKTVEVKPGMKARFVDSGEMAESFPYRTKALFAFEE
IDGVDLCFFGMHVQEYGSDCPPPNQRRVYISYLDSVHFFRPKCLRTAVYHEILIGYLEYVKKLGYTTGHIWACPPSEGDD
YIFHCHPPDQKIPKPKRLQEWYKKMLDKAVSERIVHDYKDIFKQATEDRLTSAKELPYFEGDFWPNVLEESIKELEQKTS
KNKSSLSRGNKKKPGMPNVSNDLSQKLYATMEKHKEVFFVIRLIAGPAANSLPPIVDPDPLIPCDLMDGRDAFLTLARDK
HLEFSSLRRAQWSTGCMLVELHTQSQDRF
;
_entity_poly.pdbx_strand_id   A
#
# COMPACT_ATOMS: atom_id res chain seq x y z
N MET A 1 -25.91 14.77 -2.48
CA MET A 1 -25.57 13.32 -2.64
C MET A 1 -25.98 12.56 -1.38
N LYS A 2 -26.80 11.51 -1.55
CA LYS A 2 -27.31 10.63 -0.45
C LYS A 2 -26.18 9.70 -0.01
N PHE A 3 -25.54 9.02 -0.97
CA PHE A 3 -24.31 8.21 -0.80
C PHE A 3 -23.14 8.92 -1.50
N SER A 4 -22.38 9.74 -0.76
CA SER A 4 -21.17 10.46 -1.27
C SER A 4 -19.93 9.94 -0.53
N ALA A 5 -18.75 10.20 -1.11
CA ALA A 5 -17.43 9.78 -0.58
C ALA A 5 -17.24 10.28 0.85
N LYS A 6 -17.51 11.58 1.05
CA LYS A 6 -17.40 12.31 2.33
C LYS A 6 -18.25 11.62 3.41
N ARG A 7 -19.49 11.26 3.07
CA ARG A 7 -20.50 10.75 4.03
C ARG A 7 -20.19 9.30 4.43
N LEU A 8 -19.09 8.72 3.95
CA LEU A 8 -18.54 7.43 4.49
C LEU A 8 -18.00 7.69 5.89
N PRO A 9 -17.97 6.66 6.77
CA PRO A 9 -17.31 6.77 8.08
C PRO A 9 -15.85 7.24 8.00
N SER A 10 -15.50 8.26 8.79
CA SER A 10 -14.14 8.84 8.89
C SER A 10 -13.25 7.94 9.75
N THR A 11 -11.93 8.11 9.61
CA THR A 11 -10.89 7.50 10.47
C THR A 11 -9.78 8.53 10.67
N ARG A 12 -8.84 8.26 11.58
CA ARG A 12 -7.69 9.15 11.89
C ARG A 12 -6.65 9.03 10.78
N LEU A 13 -6.52 7.85 10.16
CA LEU A 13 -5.69 7.64 8.94
C LEU A 13 -6.32 8.41 7.77
N GLY A 14 -7.59 8.13 7.48
CA GLY A 14 -8.34 8.76 6.38
C GLY A 14 -8.26 10.28 6.43
N THR A 15 -8.49 10.87 7.60
CA THR A 15 -8.51 12.35 7.83
C THR A 15 -7.09 12.91 7.71
N PHE A 16 -6.06 12.15 8.10
CA PHE A 16 -4.64 12.59 8.08
C PHE A 16 -4.13 12.72 6.64
N LEU A 17 -4.53 11.82 5.75
CA LEU A 17 -4.10 11.77 4.33
C LEU A 17 -4.83 12.85 3.53
N GLU A 18 -6.17 12.91 3.64
CA GLU A 18 -7.01 13.88 2.86
C GLU A 18 -6.66 15.31 3.26
N ASN A 19 -6.20 15.52 4.49
CA ASN A 19 -5.70 16.84 4.98
C ASN A 19 -4.44 17.21 4.19
N ARG A 20 -3.39 16.39 4.30
CA ARG A 20 -2.07 16.64 3.66
C ARG A 20 -2.25 16.96 2.17
N VAL A 21 -3.18 16.27 1.51
CA VAL A 21 -3.52 16.44 0.07
C VAL A 21 -4.14 17.83 -0.15
N ASN A 22 -5.25 18.13 0.51
CA ASN A 22 -5.98 19.41 0.35
C ASN A 22 -5.08 20.56 0.79
N ASP A 23 -4.22 20.32 1.79
CA ASP A 23 -3.12 21.24 2.23
C ASP A 23 -2.18 21.51 1.05
N PHE A 24 -1.74 20.45 0.39
CA PHE A 24 -0.84 20.49 -0.79
C PHE A 24 -1.56 21.17 -1.96
N LEU A 25 -2.83 20.84 -2.18
CA LEU A 25 -3.66 21.34 -3.31
C LEU A 25 -3.90 22.85 -3.15
N ARG A 26 -4.30 23.29 -1.95
CA ARG A 26 -4.74 24.69 -1.68
C ARG A 26 -3.56 25.65 -1.93
N ARG A 27 -2.35 25.28 -1.49
CA ARG A 27 -1.11 26.08 -1.66
C ARG A 27 -0.74 26.15 -3.16
N GLN A 28 -1.05 25.11 -3.94
CA GLN A 28 -0.79 25.05 -5.41
C GLN A 28 -1.69 26.08 -6.12
N ASN A 29 -2.93 26.24 -5.64
CA ASN A 29 -3.86 27.31 -6.10
C ASN A 29 -4.09 27.20 -7.61
N HIS A 30 -4.33 25.98 -8.10
CA HIS A 30 -4.85 25.70 -9.46
C HIS A 30 -6.37 25.76 -9.40
N PRO A 31 -7.05 26.47 -10.34
CA PRO A 31 -8.51 26.60 -10.29
C PRO A 31 -9.30 25.38 -10.78
N GLU A 32 -8.66 24.53 -11.60
CA GLU A 32 -9.26 23.27 -12.15
C GLU A 32 -9.42 22.21 -11.05
N SER A 33 -8.54 22.22 -10.04
CA SER A 33 -8.48 21.17 -8.97
C SER A 33 -9.77 21.20 -8.14
N GLY A 34 -9.98 20.17 -7.32
CA GLY A 34 -11.18 20.01 -6.48
C GLY A 34 -10.86 19.37 -5.14
N GLU A 35 -11.88 19.17 -4.29
CA GLU A 35 -11.74 18.52 -2.97
C GLU A 35 -11.39 17.04 -3.15
N VAL A 36 -10.35 16.58 -2.47
CA VAL A 36 -9.98 15.14 -2.37
C VAL A 36 -10.44 14.63 -0.99
N THR A 37 -11.32 13.63 -0.98
CA THR A 37 -11.79 12.89 0.22
C THR A 37 -11.09 11.54 0.28
N VAL A 38 -10.38 11.24 1.37
CA VAL A 38 -9.65 9.96 1.56
C VAL A 38 -10.37 9.15 2.64
N ARG A 39 -10.68 7.88 2.36
CA ARG A 39 -11.42 6.98 3.29
C ARG A 39 -10.69 5.64 3.41
N VAL A 40 -10.61 5.09 4.63
CA VAL A 40 -10.32 3.66 4.88
C VAL A 40 -11.68 2.95 4.78
N VAL A 41 -11.72 1.80 4.11
CA VAL A 41 -13.00 1.09 3.78
C VAL A 41 -12.92 -0.39 4.17
N HIS A 42 -11.74 -0.89 4.55
CA HIS A 42 -11.54 -2.25 5.12
C HIS A 42 -10.28 -2.24 5.99
N ALA A 43 -10.44 -2.60 7.25
CA ALA A 43 -9.35 -2.88 8.21
C ALA A 43 -9.74 -4.13 9.02
N SER A 44 -8.92 -5.17 8.95
CA SER A 44 -9.10 -6.46 9.65
C SER A 44 -7.73 -7.04 10.00
N ASP A 45 -7.71 -8.01 10.92
CA ASP A 45 -6.47 -8.68 11.37
C ASP A 45 -6.33 -10.00 10.62
N LYS A 46 -5.10 -10.39 10.33
CA LYS A 46 -4.73 -11.56 9.48
C LYS A 46 -3.39 -12.12 9.97
N THR A 47 -3.00 -13.29 9.44
CA THR A 47 -1.62 -13.84 9.53
C THR A 47 -1.15 -14.33 8.16
N VAL A 48 0.16 -14.48 8.00
CA VAL A 48 0.84 -15.02 6.78
C VAL A 48 1.64 -16.26 7.21
N GLU A 49 1.04 -17.45 7.12
CA GLU A 49 1.66 -18.69 7.66
C GLU A 49 2.83 -19.10 6.76
N VAL A 50 3.98 -19.39 7.37
CA VAL A 50 5.24 -19.80 6.69
C VAL A 50 4.96 -21.04 5.84
N LYS A 51 5.60 -21.16 4.68
CA LYS A 51 5.31 -22.20 3.66
C LYS A 51 6.07 -23.49 3.98
N PRO A 52 5.50 -24.67 3.62
CA PRO A 52 6.00 -25.98 4.01
C PRO A 52 7.49 -26.20 4.32
N GLY A 53 8.39 -25.69 3.47
CA GLY A 53 9.83 -26.02 3.50
C GLY A 53 10.63 -25.01 4.31
N MET A 54 10.27 -23.73 4.27
CA MET A 54 10.80 -22.71 5.20
C MET A 54 10.42 -23.13 6.62
N LYS A 55 9.15 -23.54 6.79
CA LYS A 55 8.60 -24.11 8.05
C LYS A 55 9.50 -25.23 8.53
N ALA A 56 9.63 -26.30 7.74
CA ALA A 56 10.44 -27.50 8.06
C ALA A 56 11.86 -27.09 8.48
N ARG A 57 12.45 -26.10 7.81
CA ARG A 57 13.89 -25.75 7.99
C ARG A 57 14.10 -24.97 9.30
N PHE A 58 13.15 -24.09 9.68
CA PHE A 58 13.37 -23.06 10.74
C PHE A 58 12.24 -23.01 11.78
N VAL A 59 10.98 -23.21 11.38
CA VAL A 59 9.81 -23.14 12.31
C VAL A 59 9.80 -24.37 13.21
N ASP A 60 9.97 -25.55 12.63
CA ASP A 60 9.93 -26.86 13.34
C ASP A 60 11.11 -26.95 14.30
N SER A 61 12.27 -26.40 13.94
CA SER A 61 13.50 -26.41 14.78
C SER A 61 13.42 -25.34 15.88
N GLY A 62 12.36 -24.51 15.87
CA GLY A 62 12.04 -23.53 16.93
C GLY A 62 12.52 -22.12 16.60
N GLU A 63 13.36 -21.96 15.59
CA GLU A 63 14.15 -20.73 15.35
C GLU A 63 13.29 -19.61 14.74
N MET A 64 12.05 -19.92 14.34
CA MET A 64 11.16 -19.00 13.60
C MET A 64 9.70 -19.26 13.99
N ALA A 65 8.88 -18.21 14.11
CA ALA A 65 7.42 -18.34 14.33
C ALA A 65 6.80 -19.01 13.10
N GLU A 66 5.59 -19.53 13.21
CA GLU A 66 4.91 -20.29 12.12
C GLU A 66 4.00 -19.36 11.32
N SER A 67 3.74 -18.16 11.82
CA SER A 67 2.89 -17.13 11.15
C SER A 67 3.18 -15.74 11.75
N PHE A 68 2.74 -14.68 11.07
CA PHE A 68 2.99 -13.27 11.45
C PHE A 68 1.71 -12.45 11.35
N PRO A 69 1.14 -12.01 12.50
CA PRO A 69 -0.16 -11.34 12.50
C PRO A 69 -0.01 -9.87 12.08
N TYR A 70 -0.55 -9.53 10.92
CA TYR A 70 -0.61 -8.15 10.40
C TYR A 70 -2.06 -7.69 10.41
N ARG A 71 -2.27 -6.38 10.44
CA ARG A 71 -3.55 -5.73 10.08
C ARG A 71 -3.51 -5.39 8.58
N THR A 72 -4.49 -5.86 7.81
CA THR A 72 -4.74 -5.43 6.41
C THR A 72 -5.66 -4.21 6.43
N LYS A 73 -5.40 -3.23 5.56
CA LYS A 73 -6.27 -2.04 5.37
C LYS A 73 -6.41 -1.77 3.88
N ALA A 74 -7.62 -1.42 3.44
CA ALA A 74 -7.93 -0.91 2.08
C ALA A 74 -8.43 0.54 2.22
N LEU A 75 -7.88 1.44 1.40
CA LEU A 75 -8.18 2.90 1.45
C LEU A 75 -8.17 3.48 0.03
N PHE A 76 -9.05 4.47 -0.20
CA PHE A 76 -9.39 5.03 -1.55
C PHE A 76 -9.40 6.56 -1.52
N ALA A 77 -8.82 7.17 -2.56
CA ALA A 77 -8.84 8.63 -2.79
C ALA A 77 -9.90 8.95 -3.84
N PHE A 78 -10.77 9.92 -3.51
CA PHE A 78 -11.90 10.40 -4.36
C PHE A 78 -11.71 11.90 -4.62
N GLU A 79 -11.73 12.32 -5.89
CA GLU A 79 -11.81 13.75 -6.28
C GLU A 79 -13.27 14.10 -6.58
N GLU A 80 -13.62 15.38 -6.43
CA GLU A 80 -14.93 15.96 -6.81
C GLU A 80 -14.72 16.77 -8.09
N ILE A 81 -15.08 16.18 -9.25
CA ILE A 81 -15.02 16.84 -10.60
C ILE A 81 -16.45 16.92 -11.15
N ASP A 82 -16.80 18.09 -11.72
CA ASP A 82 -18.16 18.39 -12.24
C ASP A 82 -19.18 18.32 -11.10
N GLY A 83 -18.72 18.55 -9.86
CA GLY A 83 -19.53 18.39 -8.63
C GLY A 83 -20.02 16.97 -8.44
N VAL A 84 -19.24 15.99 -8.89
CA VAL A 84 -19.50 14.52 -8.70
C VAL A 84 -18.17 13.84 -8.37
N ASP A 85 -18.20 12.78 -7.56
CA ASP A 85 -17.00 12.12 -6.98
C ASP A 85 -16.38 11.16 -8.00
N LEU A 86 -15.05 10.97 -7.96
CA LEU A 86 -14.26 10.07 -8.83
C LEU A 86 -13.20 9.34 -8.00
N CYS A 87 -13.39 8.05 -7.75
CA CYS A 87 -12.42 7.18 -7.04
C CYS A 87 -11.18 6.99 -7.91
N PHE A 88 -10.09 7.71 -7.60
CA PHE A 88 -8.94 7.92 -8.52
C PHE A 88 -7.70 7.12 -8.08
N PHE A 89 -7.64 6.68 -6.83
CA PHE A 89 -6.42 6.03 -6.26
C PHE A 89 -6.80 5.11 -5.08
N GLY A 90 -6.53 3.81 -5.22
CA GLY A 90 -6.72 2.78 -4.16
C GLY A 90 -5.38 2.20 -3.72
N MET A 91 -5.33 1.63 -2.51
CA MET A 91 -4.08 1.09 -1.91
C MET A 91 -4.42 0.06 -0.82
N HIS A 92 -3.83 -1.14 -0.90
CA HIS A 92 -3.93 -2.22 0.11
C HIS A 92 -2.59 -2.37 0.82
N VAL A 93 -2.61 -2.46 2.16
CA VAL A 93 -1.37 -2.48 2.99
C VAL A 93 -1.45 -3.57 4.06
N GLN A 94 -0.29 -4.18 4.34
CA GLN A 94 -0.04 -5.09 5.48
C GLN A 94 0.72 -4.29 6.54
N GLU A 95 0.20 -4.26 7.78
CA GLU A 95 0.78 -3.53 8.93
C GLU A 95 1.12 -4.52 10.04
N TYR A 96 2.41 -4.79 10.24
CA TYR A 96 2.98 -5.70 11.27
C TYR A 96 3.49 -4.88 12.45
N GLY A 97 2.74 -4.89 13.56
CA GLY A 97 2.97 -4.04 14.75
C GLY A 97 4.07 -4.56 15.67
N SER A 98 4.15 -4.05 16.90
CA SER A 98 5.23 -4.33 17.87
C SER A 98 5.04 -5.71 18.50
N ASP A 99 3.78 -6.16 18.64
CA ASP A 99 3.41 -7.46 19.28
C ASP A 99 3.72 -8.62 18.32
N CYS A 100 3.99 -8.32 17.04
CA CYS A 100 4.44 -9.27 15.99
C CYS A 100 5.89 -9.69 16.27
N PRO A 101 6.22 -10.99 16.27
CA PRO A 101 7.61 -11.44 16.41
C PRO A 101 8.49 -10.87 15.29
N PRO A 102 9.82 -10.96 15.40
CA PRO A 102 10.70 -10.70 14.26
C PRO A 102 10.56 -11.77 13.17
N PRO A 103 10.97 -11.51 11.91
CA PRO A 103 11.51 -10.22 11.48
C PRO A 103 10.46 -9.36 10.74
N ASN A 104 9.27 -9.23 11.36
CA ASN A 104 8.14 -8.40 10.86
C ASN A 104 7.73 -7.40 11.95
N GLN A 105 8.47 -7.31 13.06
CA GLN A 105 8.27 -6.30 14.13
C GLN A 105 8.33 -4.90 13.50
N ARG A 106 7.24 -4.14 13.59
CA ARG A 106 7.14 -2.70 13.24
C ARG A 106 7.47 -2.47 11.75
N ARG A 107 6.73 -3.10 10.84
CA ARG A 107 6.94 -2.98 9.37
C ARG A 107 5.61 -2.75 8.66
N VAL A 108 5.59 -1.87 7.67
CA VAL A 108 4.47 -1.77 6.68
C VAL A 108 4.98 -2.27 5.32
N TYR A 109 4.12 -2.99 4.61
CA TYR A 109 4.36 -3.52 3.24
C TYR A 109 3.11 -3.25 2.41
N ILE A 110 3.25 -2.54 1.30
CA ILE A 110 2.09 -2.16 0.44
C ILE A 110 1.74 -3.38 -0.42
N SER A 111 0.60 -4.02 -0.14
CA SER A 111 0.06 -5.16 -0.92
C SER A 111 -0.10 -4.74 -2.39
N TYR A 112 -0.84 -3.66 -2.61
CA TYR A 112 -1.33 -3.21 -3.93
C TYR A 112 -1.48 -1.69 -3.98
N LEU A 113 -1.36 -1.17 -5.19
CA LEU A 113 -1.43 0.27 -5.54
C LEU A 113 -2.13 0.36 -6.90
N ASP A 114 -3.09 1.27 -7.08
CA ASP A 114 -3.80 1.44 -8.38
C ASP A 114 -4.29 2.88 -8.53
N SER A 115 -4.64 3.25 -9.76
CA SER A 115 -5.06 4.62 -10.16
C SER A 115 -5.93 4.57 -11.42
N VAL A 116 -6.80 5.57 -11.59
CA VAL A 116 -7.53 5.88 -12.86
C VAL A 116 -7.21 7.33 -13.23
N HIS A 117 -6.60 7.55 -14.40
CA HIS A 117 -5.77 8.75 -14.72
C HIS A 117 -6.64 9.95 -15.12
N PHE A 118 -7.68 10.25 -14.34
CA PHE A 118 -8.62 11.37 -14.60
C PHE A 118 -8.63 12.34 -13.41
N PHE A 119 -7.63 12.30 -12.55
CA PHE A 119 -7.41 13.36 -11.52
C PHE A 119 -7.19 14.67 -12.27
N ARG A 120 -7.83 15.74 -11.80
CA ARG A 120 -7.72 17.11 -12.37
C ARG A 120 -7.06 18.01 -11.33
N PRO A 121 -6.11 18.91 -11.70
CA PRO A 121 -5.46 18.92 -13.01
C PRO A 121 -4.46 17.77 -13.19
N LYS A 122 -4.07 17.48 -14.42
CA LYS A 122 -3.27 16.27 -14.77
C LYS A 122 -1.78 16.50 -14.47
N CYS A 123 -1.35 17.75 -14.26
CA CYS A 123 0.04 18.08 -13.84
C CYS A 123 0.24 17.70 -12.37
N LEU A 124 -0.80 17.80 -11.55
CA LEU A 124 -0.77 17.49 -10.09
C LEU A 124 -1.07 16.01 -9.86
N ARG A 125 -1.50 15.28 -10.89
CA ARG A 125 -1.79 13.82 -10.85
C ARG A 125 -0.70 13.10 -10.05
N THR A 126 0.52 13.02 -10.59
CA THR A 126 1.67 12.27 -10.01
C THR A 126 2.02 12.87 -8.64
N ALA A 127 2.03 14.20 -8.53
CA ALA A 127 2.30 14.94 -7.28
C ALA A 127 1.36 14.44 -6.17
N VAL A 128 0.06 14.32 -6.47
CA VAL A 128 -1.00 13.97 -5.48
C VAL A 128 -0.79 12.53 -4.98
N TYR A 129 -0.47 11.59 -5.87
CA TYR A 129 -0.17 10.17 -5.50
C TYR A 129 0.97 10.16 -4.49
N HIS A 130 2.00 10.98 -4.74
CA HIS A 130 3.22 11.10 -3.90
C HIS A 130 2.81 11.59 -2.51
N GLU A 131 1.92 12.59 -2.40
CA GLU A 131 1.41 13.11 -1.11
C GLU A 131 0.74 11.97 -0.34
N ILE A 132 -0.22 11.27 -0.96
CA ILE A 132 -0.96 10.14 -0.33
C ILE A 132 0.05 9.12 0.23
N LEU A 133 1.11 8.80 -0.53
CA LEU A 133 2.10 7.75 -0.15
C LEU A 133 3.03 8.26 0.97
N ILE A 134 3.52 9.50 0.87
CA ILE A 134 4.40 10.12 1.92
C ILE A 134 3.54 10.35 3.17
N GLY A 135 2.26 10.69 2.97
CA GLY A 135 1.26 10.90 4.03
C GLY A 135 1.01 9.62 4.82
N TYR A 136 1.10 8.46 4.16
CA TYR A 136 0.95 7.13 4.82
C TYR A 136 2.27 6.77 5.51
N LEU A 137 3.41 7.07 4.89
CA LEU A 137 4.77 6.80 5.44
C LEU A 137 5.02 7.70 6.66
N GLU A 138 4.40 8.89 6.67
CA GLU A 138 4.43 9.83 7.82
C GLU A 138 3.54 9.29 8.95
N TYR A 139 2.27 8.99 8.64
CA TYR A 139 1.25 8.52 9.61
C TYR A 139 1.82 7.38 10.46
N VAL A 140 2.36 6.35 9.81
CA VAL A 140 2.78 5.07 10.46
C VAL A 140 4.11 5.28 11.19
N LYS A 141 4.98 6.15 10.70
CA LYS A 141 6.24 6.52 11.40
C LYS A 141 5.88 7.12 12.76
N LYS A 142 4.76 7.86 12.85
CA LYS A 142 4.29 8.54 14.09
C LYS A 142 3.68 7.51 15.06
N LEU A 143 2.89 6.56 14.56
CA LEU A 143 2.41 5.39 15.35
C LEU A 143 3.62 4.57 15.81
N GLY A 144 4.70 4.58 15.01
CA GLY A 144 6.02 4.04 15.40
C GLY A 144 6.38 2.76 14.66
N TYR A 145 6.11 2.69 13.35
CA TYR A 145 6.65 1.65 12.43
C TYR A 145 8.02 2.14 11.94
N THR A 146 9.06 1.33 12.11
CA THR A 146 10.47 1.67 11.76
C THR A 146 10.66 1.58 10.23
N THR A 147 10.20 0.49 9.60
CA THR A 147 10.54 0.14 8.20
C THR A 147 9.28 0.00 7.32
N GLY A 148 9.36 0.53 6.10
CA GLY A 148 8.41 0.31 4.99
C GLY A 148 9.04 -0.53 3.88
N HIS A 149 8.24 -1.32 3.16
CA HIS A 149 8.71 -2.24 2.09
C HIS A 149 7.82 -2.12 0.86
N ILE A 150 8.44 -1.92 -0.30
CA ILE A 150 7.70 -1.76 -1.59
C ILE A 150 8.29 -2.71 -2.63
N TRP A 151 7.40 -3.47 -3.26
CA TRP A 151 7.64 -4.26 -4.48
C TRP A 151 7.33 -3.38 -5.69
N ALA A 152 8.38 -2.84 -6.34
CA ALA A 152 8.25 -1.92 -7.50
C ALA A 152 7.89 -2.73 -8.74
N CYS A 153 6.62 -3.15 -8.84
CA CYS A 153 6.15 -4.14 -9.85
C CYS A 153 5.01 -3.57 -10.69
N PRO A 154 5.22 -3.40 -12.01
CA PRO A 154 4.14 -2.98 -12.91
C PRO A 154 3.13 -4.10 -13.12
N PRO A 155 1.84 -3.78 -13.35
CA PRO A 155 0.82 -4.80 -13.61
C PRO A 155 1.00 -5.48 -14.98
N SER A 156 0.37 -6.65 -15.14
CA SER A 156 0.38 -7.47 -16.38
C SER A 156 -0.82 -7.10 -17.25
N GLU A 157 -0.71 -7.29 -18.58
CA GLU A 157 -1.81 -7.10 -19.55
C GLU A 157 -2.85 -8.22 -19.35
N GLY A 158 -4.14 -7.87 -19.42
CA GLY A 158 -5.27 -8.80 -19.23
C GLY A 158 -5.62 -9.02 -17.77
N ASP A 159 -5.00 -8.24 -16.87
CA ASP A 159 -5.26 -8.29 -15.40
C ASP A 159 -5.13 -6.88 -14.83
N ASP A 160 -5.96 -6.55 -13.84
CA ASP A 160 -6.00 -5.24 -13.14
C ASP A 160 -5.85 -5.50 -11.64
N TYR A 161 -5.23 -4.58 -10.89
CA TYR A 161 -4.96 -4.75 -9.44
C TYR A 161 -6.26 -4.56 -8.65
N ILE A 162 -6.91 -3.40 -8.79
CA ILE A 162 -8.07 -2.98 -7.95
C ILE A 162 -9.26 -2.62 -8.84
N PHE A 163 -9.10 -1.66 -9.76
CA PHE A 163 -10.17 -1.11 -10.62
C PHE A 163 -10.32 -1.97 -11.87
N HIS A 164 -11.55 -2.41 -12.18
CA HIS A 164 -11.88 -3.20 -13.40
C HIS A 164 -11.86 -2.29 -14.63
N CYS A 165 -11.16 -2.71 -15.68
CA CYS A 165 -11.08 -2.08 -17.02
C CYS A 165 -10.61 -0.63 -16.90
N HIS A 166 -9.30 -0.41 -17.00
CA HIS A 166 -8.65 0.92 -16.96
C HIS A 166 -8.92 1.66 -18.27
N PRO A 167 -8.64 2.97 -18.37
CA PRO A 167 -8.69 3.69 -19.65
C PRO A 167 -7.76 3.05 -20.67
N PRO A 168 -8.25 2.71 -21.88
CA PRO A 168 -7.40 2.12 -22.92
C PRO A 168 -6.09 2.91 -23.12
N ASP A 169 -6.13 4.24 -22.96
CA ASP A 169 -4.99 5.16 -23.28
C ASP A 169 -4.17 5.50 -22.02
N GLN A 170 -4.56 4.99 -20.85
CA GLN A 170 -3.71 5.07 -19.62
C GLN A 170 -2.64 3.97 -19.72
N LYS A 171 -1.42 4.35 -20.08
CA LYS A 171 -0.31 3.41 -20.33
C LYS A 171 0.23 2.87 -18.99
N ILE A 172 0.58 1.58 -18.96
CA ILE A 172 1.29 0.93 -17.82
C ILE A 172 2.72 1.45 -17.83
N PRO A 173 3.33 1.76 -16.66
CA PRO A 173 4.74 2.13 -16.63
C PRO A 173 5.63 0.91 -16.89
N LYS A 174 6.71 1.11 -17.66
CA LYS A 174 7.75 0.07 -17.82
C LYS A 174 8.56 0.04 -16.53
N PRO A 175 9.14 -1.11 -16.15
CA PRO A 175 9.85 -1.28 -14.87
C PRO A 175 10.71 -0.08 -14.45
N LYS A 176 11.47 0.49 -15.39
CA LYS A 176 12.53 1.49 -15.13
C LYS A 176 11.91 2.83 -14.71
N ARG A 177 10.71 3.19 -15.23
CA ARG A 177 10.00 4.44 -14.82
C ARG A 177 9.41 4.27 -13.42
N LEU A 178 8.66 3.19 -13.22
CA LEU A 178 8.00 2.87 -11.94
C LEU A 178 9.04 2.95 -10.82
N GLN A 179 10.24 2.41 -11.04
CA GLN A 179 11.40 2.50 -10.11
C GLN A 179 11.75 3.96 -9.86
N GLU A 180 11.93 4.74 -10.94
CA GLU A 180 12.22 6.18 -10.88
C GLU A 180 11.06 6.92 -10.21
N TRP A 181 9.81 6.49 -10.45
CA TRP A 181 8.58 7.12 -9.90
C TRP A 181 8.53 6.96 -8.38
N TYR A 182 8.96 5.81 -7.85
CA TYR A 182 9.08 5.55 -6.39
C TYR A 182 10.26 6.35 -5.84
N LYS A 183 11.44 6.24 -6.46
CA LYS A 183 12.65 7.03 -6.10
C LYS A 183 12.25 8.52 -6.02
N LYS A 184 11.44 8.97 -6.98
CA LYS A 184 10.89 10.34 -7.05
C LYS A 184 10.11 10.61 -5.77
N MET A 185 9.16 9.72 -5.45
CA MET A 185 8.29 9.81 -4.24
C MET A 185 9.14 9.86 -2.97
N LEU A 186 10.20 9.03 -2.88
CA LEU A 186 10.98 8.81 -1.63
C LEU A 186 11.94 9.98 -1.37
N ASP A 187 12.67 10.45 -2.39
CA ASP A 187 13.62 11.57 -2.27
C ASP A 187 12.91 12.79 -1.69
N LYS A 188 11.61 12.96 -1.96
CA LYS A 188 10.77 14.05 -1.40
C LYS A 188 10.46 13.76 0.08
N ALA A 189 10.14 12.52 0.42
CA ALA A 189 9.91 12.07 1.81
C ALA A 189 11.20 12.28 2.63
N VAL A 190 12.37 12.09 2.02
CA VAL A 190 13.71 12.25 2.68
C VAL A 190 13.90 13.71 3.07
N SER A 191 13.59 14.64 2.16
CA SER A 191 13.81 16.10 2.35
C SER A 191 12.90 16.64 3.47
N GLU A 192 11.75 16.00 3.69
CA GLU A 192 10.76 16.42 4.73
C GLU A 192 11.07 15.75 6.07
N ARG A 193 12.21 15.07 6.18
CA ARG A 193 12.70 14.36 7.40
C ARG A 193 11.69 13.29 7.85
N ILE A 194 10.87 12.77 6.94
CA ILE A 194 9.94 11.63 7.20
C ILE A 194 10.75 10.33 7.05
N VAL A 195 11.40 10.13 5.89
CA VAL A 195 12.29 8.97 5.60
C VAL A 195 13.72 9.34 6.00
N HIS A 196 14.38 8.50 6.81
CA HIS A 196 15.79 8.68 7.25
C HIS A 196 16.71 8.34 6.08
N ASP A 197 16.53 7.16 5.49
CA ASP A 197 17.05 6.78 4.16
C ASP A 197 16.22 5.60 3.65
N TYR A 198 16.51 5.13 2.44
CA TYR A 198 15.94 3.90 1.84
C TYR A 198 17.07 3.17 1.10
N LYS A 199 16.91 1.86 0.90
CA LYS A 199 17.90 0.99 0.21
C LYS A 199 17.16 -0.11 -0.55
N ASP A 200 17.73 -0.57 -1.66
CA ASP A 200 17.31 -1.81 -2.36
C ASP A 200 17.49 -2.97 -1.38
N ILE A 201 16.82 -4.10 -1.62
CA ILE A 201 16.78 -5.23 -0.65
C ILE A 201 18.19 -5.78 -0.44
N PHE A 202 19.00 -5.87 -1.51
CA PHE A 202 20.36 -6.48 -1.53
C PHE A 202 21.32 -5.67 -0.65
N LYS A 203 21.37 -4.34 -0.84
CA LYS A 203 22.27 -3.42 -0.09
C LYS A 203 21.89 -3.48 1.40
N GLN A 204 20.60 -3.28 1.71
CA GLN A 204 20.05 -3.38 3.09
C GLN A 204 20.62 -4.62 3.78
N ALA A 205 20.44 -5.79 3.14
CA ALA A 205 20.83 -7.12 3.64
C ALA A 205 22.36 -7.27 3.69
N THR A 206 23.08 -6.62 2.76
CA THR A 206 24.57 -6.59 2.74
C THR A 206 25.08 -5.80 3.95
N GLU A 207 24.29 -4.84 4.45
CA GLU A 207 24.69 -3.90 5.53
C GLU A 207 24.12 -4.35 6.88
N ASP A 208 23.07 -5.18 6.88
CA ASP A 208 22.44 -5.76 8.10
C ASP A 208 23.13 -7.08 8.48
N ARG A 209 24.13 -7.52 7.71
CA ARG A 209 24.89 -8.78 7.95
C ARG A 209 23.90 -9.91 8.21
N LEU A 210 22.99 -10.14 7.26
CA LEU A 210 22.00 -11.26 7.25
C LEU A 210 22.72 -12.57 6.86
N THR A 211 22.58 -13.61 7.67
CA THR A 211 23.28 -14.91 7.53
C THR A 211 22.29 -16.07 7.47
N SER A 212 20.99 -15.77 7.36
CA SER A 212 19.89 -16.77 7.40
C SER A 212 18.61 -16.18 6.79
N ALA A 213 17.84 -16.99 6.08
CA ALA A 213 16.61 -16.59 5.36
C ALA A 213 15.46 -16.32 6.35
N LYS A 214 15.58 -16.76 7.61
CA LYS A 214 14.57 -16.57 8.68
C LYS A 214 14.58 -15.11 9.17
N GLU A 215 15.67 -14.38 8.91
CA GLU A 215 15.85 -12.94 9.27
C GLU A 215 15.18 -12.04 8.22
N LEU A 216 14.96 -12.53 7.00
CA LEU A 216 14.32 -11.76 5.90
C LEU A 216 12.82 -11.65 6.20
N PRO A 217 12.27 -10.42 6.25
CA PRO A 217 10.82 -10.23 6.44
C PRO A 217 10.03 -11.17 5.52
N TYR A 218 8.83 -11.55 5.99
CA TYR A 218 8.01 -12.64 5.40
C TYR A 218 6.56 -12.15 5.27
N PHE A 219 6.25 -11.47 4.16
CA PHE A 219 4.95 -10.81 3.91
C PHE A 219 4.06 -11.73 3.05
N GLU A 220 2.75 -11.45 3.05
CA GLU A 220 1.72 -12.27 2.34
C GLU A 220 1.81 -12.02 0.83
N GLY A 221 2.10 -13.07 0.07
CA GLY A 221 2.18 -13.04 -1.41
C GLY A 221 3.22 -12.05 -1.88
N ASP A 222 4.23 -11.78 -1.06
CA ASP A 222 5.48 -11.06 -1.46
C ASP A 222 6.34 -12.06 -2.21
N PHE A 223 7.27 -11.57 -3.01
CA PHE A 223 8.15 -12.34 -3.90
C PHE A 223 8.92 -13.42 -3.11
N TRP A 224 9.48 -13.04 -1.96
CA TRP A 224 10.60 -13.74 -1.28
C TRP A 224 10.20 -15.07 -0.66
N PRO A 225 8.99 -15.22 -0.06
CA PRO A 225 8.48 -16.54 0.30
C PRO A 225 8.61 -17.56 -0.85
N ASN A 226 8.09 -17.21 -2.04
CA ASN A 226 8.07 -18.09 -3.25
C ASN A 226 9.51 -18.47 -3.64
N VAL A 227 10.46 -17.55 -3.48
CA VAL A 227 11.88 -17.74 -3.89
C VAL A 227 12.52 -18.75 -2.95
N LEU A 228 12.37 -18.53 -1.65
CA LEU A 228 12.98 -19.36 -0.58
C LEU A 228 12.45 -20.79 -0.72
N GLU A 229 11.15 -20.93 -0.97
CA GLU A 229 10.47 -22.24 -1.13
C GLU A 229 10.97 -22.94 -2.42
N GLU A 230 11.03 -22.22 -3.54
CA GLU A 230 11.57 -22.73 -4.83
C GLU A 230 13.07 -23.05 -4.71
N SER A 231 13.75 -22.45 -3.74
CA SER A 231 15.19 -22.64 -3.45
C SER A 231 15.42 -23.99 -2.77
N ILE A 232 14.51 -24.41 -1.88
CA ILE A 232 14.60 -25.68 -1.08
C ILE A 232 14.91 -26.86 -2.03
N LEU A 263 18.80 -21.37 2.02
CA LEU A 263 20.21 -21.48 1.60
C LEU A 263 20.75 -20.11 1.18
N SER A 264 21.57 -19.49 2.02
CA SER A 264 21.85 -18.03 2.04
C SER A 264 22.42 -17.53 0.71
N GLN A 265 23.39 -18.22 0.11
CA GLN A 265 24.00 -17.86 -1.21
C GLN A 265 22.89 -17.67 -2.27
N LYS A 266 22.05 -18.70 -2.47
CA LYS A 266 20.91 -18.71 -3.43
C LYS A 266 20.11 -17.43 -3.32
N LEU A 267 19.94 -16.91 -2.09
CA LEU A 267 19.14 -15.70 -1.77
C LEU A 267 19.96 -14.42 -2.07
N TYR A 268 21.29 -14.45 -1.92
CA TYR A 268 22.19 -13.31 -2.24
C TYR A 268 22.36 -13.17 -3.76
N ALA A 269 22.21 -14.29 -4.48
CA ALA A 269 22.12 -14.31 -5.95
C ALA A 269 20.85 -13.58 -6.38
N THR A 270 19.70 -13.99 -5.84
CA THR A 270 18.35 -13.53 -6.24
C THR A 270 18.12 -12.09 -5.74
N MET A 271 18.51 -11.78 -4.51
CA MET A 271 18.41 -10.41 -3.95
C MET A 271 19.22 -9.46 -4.85
N GLU A 272 20.44 -9.86 -5.24
CA GLU A 272 21.34 -9.03 -6.09
C GLU A 272 20.69 -8.81 -7.44
N LYS A 273 20.19 -9.88 -8.08
CA LYS A 273 19.68 -9.85 -9.48
C LYS A 273 18.43 -8.96 -9.55
N HIS A 274 17.66 -8.82 -8.47
CA HIS A 274 16.31 -8.19 -8.45
C HIS A 274 16.25 -6.97 -7.52
N LYS A 275 17.38 -6.55 -6.94
CA LYS A 275 17.46 -5.49 -5.90
C LYS A 275 16.61 -4.27 -6.31
N GLU A 276 16.69 -3.87 -7.58
CA GLU A 276 16.18 -2.57 -8.09
C GLU A 276 14.66 -2.49 -7.93
N VAL A 277 13.98 -3.63 -7.77
CA VAL A 277 12.50 -3.73 -7.70
C VAL A 277 12.03 -3.67 -6.24
N PHE A 278 12.90 -3.96 -5.28
CA PHE A 278 12.52 -4.19 -3.86
C PHE A 278 13.21 -3.17 -2.95
N PHE A 279 12.43 -2.23 -2.44
CA PHE A 279 12.88 -1.12 -1.56
C PHE A 279 12.67 -1.50 -0.09
N VAL A 280 13.56 -0.98 0.76
CA VAL A 280 13.46 -1.00 2.25
C VAL A 280 13.56 0.45 2.73
N ILE A 281 12.43 1.00 3.16
CA ILE A 281 12.23 2.45 3.46
C ILE A 281 12.33 2.64 4.98
N ARG A 282 13.48 3.06 5.49
CA ARG A 282 13.73 3.26 6.94
C ARG A 282 13.13 4.60 7.38
N LEU A 283 12.09 4.56 8.23
CA LEU A 283 11.35 5.74 8.74
C LEU A 283 11.97 6.20 10.07
N ILE A 284 12.31 5.26 10.95
CA ILE A 284 12.86 5.52 12.32
C ILE A 284 14.19 4.78 12.47
N ALA A 285 15.24 5.49 12.87
CA ALA A 285 16.66 5.03 12.76
C ALA A 285 17.42 5.21 14.08
N GLY A 286 18.54 4.51 14.21
CA GLY A 286 19.54 4.65 15.29
C GLY A 286 18.93 4.42 16.66
N PRO A 287 19.34 5.19 17.69
CA PRO A 287 18.82 5.02 19.05
C PRO A 287 17.28 5.02 19.14
N ALA A 288 16.61 6.00 18.50
CA ALA A 288 15.16 6.28 18.64
C ALA A 288 14.31 5.06 18.25
N ALA A 289 14.91 4.06 17.59
CA ALA A 289 14.26 2.83 17.11
C ALA A 289 14.19 1.76 18.21
N ASN A 290 15.03 1.87 19.24
CA ASN A 290 15.16 0.87 20.34
C ASN A 290 14.38 1.30 21.59
N SER A 291 14.04 2.60 21.71
CA SER A 291 13.37 3.21 22.89
C SER A 291 11.86 3.29 22.67
N LEU A 292 11.31 2.58 21.67
CA LEU A 292 9.92 2.78 21.17
C LEU A 292 8.92 2.26 22.20
N PRO A 293 7.86 3.03 22.53
CA PRO A 293 6.68 2.46 23.21
C PRO A 293 5.90 1.60 22.23
N PRO A 294 5.00 0.70 22.69
CA PRO A 294 4.28 -0.19 21.76
C PRO A 294 3.35 0.61 20.84
N ILE A 295 3.24 0.18 19.58
CA ILE A 295 2.31 0.77 18.57
C ILE A 295 0.89 0.52 19.06
N VAL A 296 0.05 1.55 19.01
CA VAL A 296 -1.41 1.43 19.28
C VAL A 296 -2.17 2.14 18.16
N ASP A 297 -2.62 1.37 17.16
CA ASP A 297 -3.51 1.87 16.08
C ASP A 297 -4.78 2.39 16.75
N PRO A 298 -5.06 3.71 16.71
CA PRO A 298 -6.28 4.26 17.32
C PRO A 298 -7.56 3.94 16.53
N ASP A 299 -7.43 3.67 15.23
CA ASP A 299 -8.54 3.39 14.29
C ASP A 299 -9.18 2.05 14.65
N PRO A 300 -10.53 1.94 14.61
CA PRO A 300 -11.20 0.66 14.81
C PRO A 300 -11.15 -0.20 13.52
N LEU A 301 -11.43 -1.49 13.66
CA LEU A 301 -11.58 -2.43 12.52
C LEU A 301 -12.85 -2.05 11.74
N ILE A 302 -12.72 -1.94 10.41
CA ILE A 302 -13.86 -1.80 9.46
C ILE A 302 -14.06 -3.15 8.79
N PRO A 303 -15.04 -3.97 9.24
CA PRO A 303 -15.34 -5.22 8.56
C PRO A 303 -16.10 -4.87 7.28
N CYS A 304 -15.56 -5.26 6.12
CA CYS A 304 -16.16 -5.02 4.78
C CYS A 304 -15.91 -6.26 3.90
N ASP A 305 -17.00 -6.89 3.45
CA ASP A 305 -16.96 -8.08 2.55
C ASP A 305 -16.27 -7.67 1.24
N LEU A 306 -16.75 -6.60 0.61
CA LEU A 306 -16.39 -6.18 -0.77
C LEU A 306 -14.88 -5.92 -0.89
N MET A 307 -14.29 -5.19 0.07
CA MET A 307 -12.89 -4.69 -0.03
C MET A 307 -11.94 -5.58 0.77
N ASP A 308 -12.32 -6.84 1.02
CA ASP A 308 -11.43 -7.87 1.62
C ASP A 308 -10.59 -8.48 0.50
N GLY A 309 -9.32 -8.10 0.40
CA GLY A 309 -8.47 -8.36 -0.79
C GLY A 309 -9.07 -7.71 -2.03
N ARG A 310 -8.45 -7.93 -3.19
CA ARG A 310 -8.76 -7.19 -4.44
C ARG A 310 -9.88 -7.88 -5.23
N ASP A 311 -10.08 -9.20 -5.05
CA ASP A 311 -10.84 -10.07 -5.97
C ASP A 311 -12.35 -9.78 -5.92
N ALA A 312 -12.91 -9.60 -4.72
CA ALA A 312 -14.37 -9.44 -4.48
C ALA A 312 -14.90 -8.14 -5.12
N PHE A 313 -14.07 -7.09 -5.23
CA PHE A 313 -14.45 -5.78 -5.83
C PHE A 313 -14.38 -5.87 -7.35
N LEU A 314 -13.33 -6.51 -7.88
CA LEU A 314 -13.15 -6.77 -9.34
C LEU A 314 -14.31 -7.65 -9.84
N THR A 315 -14.80 -8.58 -9.01
CA THR A 315 -15.96 -9.47 -9.28
C THR A 315 -17.22 -8.63 -9.48
N LEU A 316 -17.54 -7.76 -8.52
CA LEU A 316 -18.74 -6.89 -8.53
C LEU A 316 -18.76 -6.01 -9.78
N ALA A 317 -17.60 -5.46 -10.16
CA ALA A 317 -17.43 -4.57 -11.33
C ALA A 317 -17.65 -5.35 -12.63
N ARG A 318 -16.98 -6.50 -12.78
CA ARG A 318 -17.19 -7.46 -13.89
C ARG A 318 -18.69 -7.79 -13.98
N ASP A 319 -19.28 -8.21 -12.86
CA ASP A 319 -20.73 -8.56 -12.74
C ASP A 319 -21.58 -7.41 -13.31
N LYS A 320 -21.57 -6.25 -12.65
CA LYS A 320 -22.49 -5.11 -12.91
C LYS A 320 -21.96 -4.24 -14.06
N HIS A 321 -21.19 -4.82 -14.98
CA HIS A 321 -20.73 -4.21 -16.26
C HIS A 321 -20.01 -2.88 -16.02
N LEU A 322 -19.47 -2.67 -14.81
CA LEU A 322 -18.78 -1.40 -14.42
C LEU A 322 -17.41 -1.34 -15.10
N GLU A 323 -16.93 -0.12 -15.37
CA GLU A 323 -15.59 0.15 -15.96
C GLU A 323 -15.09 1.53 -15.53
N PHE A 324 -13.77 1.65 -15.43
CA PHE A 324 -13.06 2.93 -15.19
C PHE A 324 -12.35 3.34 -16.49
N SER A 325 -12.96 2.98 -17.62
CA SER A 325 -12.39 3.16 -18.99
C SER A 325 -12.39 4.65 -19.35
N SER A 326 -13.57 5.27 -19.39
CA SER A 326 -13.76 6.73 -19.62
C SER A 326 -14.09 7.42 -18.28
N LEU A 327 -14.02 8.75 -18.25
CA LEU A 327 -14.29 9.58 -17.05
C LEU A 327 -15.75 9.37 -16.61
N ARG A 328 -16.71 9.63 -17.51
CA ARG A 328 -18.17 9.49 -17.26
C ARG A 328 -18.48 8.07 -16.76
N ARG A 329 -17.83 7.05 -17.35
CA ARG A 329 -17.93 5.64 -16.95
C ARG A 329 -17.35 5.47 -15.54
N ALA A 330 -16.21 6.12 -15.25
CA ALA A 330 -15.50 6.06 -13.96
C ALA A 330 -16.30 6.78 -12.87
N GLN A 331 -16.98 7.88 -13.23
CA GLN A 331 -17.90 8.62 -12.34
C GLN A 331 -19.13 7.76 -12.04
N TRP A 332 -19.61 7.01 -13.03
CA TRP A 332 -20.68 6.00 -12.84
C TRP A 332 -20.25 4.98 -11.78
N SER A 333 -19.05 4.40 -11.97
CA SER A 333 -18.50 3.24 -11.23
C SER A 333 -18.25 3.59 -9.75
N THR A 334 -17.68 4.77 -9.48
CA THR A 334 -17.45 5.31 -8.11
C THR A 334 -18.78 5.37 -7.35
N GLY A 335 -19.84 5.82 -8.02
CA GLY A 335 -21.22 5.90 -7.48
C GLY A 335 -21.71 4.54 -7.04
N CYS A 336 -21.70 3.56 -7.95
CA CYS A 336 -22.15 2.15 -7.71
C CYS A 336 -21.19 1.45 -6.74
N MET A 337 -19.93 1.90 -6.66
CA MET A 337 -18.92 1.44 -5.66
C MET A 337 -19.34 1.94 -4.27
N LEU A 338 -19.71 3.22 -4.16
CA LEU A 338 -20.13 3.86 -2.88
C LEU A 338 -21.51 3.32 -2.47
N VAL A 339 -22.47 3.26 -3.40
CA VAL A 339 -23.82 2.66 -3.17
C VAL A 339 -23.64 1.34 -2.42
N GLU A 340 -22.81 0.45 -2.98
CA GLU A 340 -22.55 -0.92 -2.47
C GLU A 340 -21.85 -0.84 -1.10
N LEU A 341 -20.97 0.17 -0.91
CA LEU A 341 -20.15 0.33 0.33
C LEU A 341 -21.04 0.74 1.51
N HIS A 342 -21.99 1.66 1.28
CA HIS A 342 -22.86 2.27 2.33
C HIS A 342 -23.90 1.28 2.86
N THR A 343 -24.30 0.27 2.07
CA THR A 343 -25.34 -0.73 2.43
C THR A 343 -24.72 -2.07 2.84
N GLN A 344 -23.39 -2.24 2.73
CA GLN A 344 -22.62 -3.41 3.25
C GLN A 344 -22.01 -3.07 4.62
N SER A 345 -21.81 -1.78 4.90
CA SER A 345 -21.47 -1.22 6.23
C SER A 345 -22.70 -1.26 7.15
N GLN A 346 -23.89 -1.03 6.57
CA GLN A 346 -25.19 -0.92 7.29
C GLN A 346 -25.66 -2.29 7.81
N ASP A 347 -24.99 -3.39 7.46
CA ASP A 347 -25.31 -4.76 7.94
C ASP A 347 -25.32 -4.78 9.47
#